data_3NSQ
#
_entry.id   3NSQ
#
_cell.length_a   115.026
_cell.length_b   99.924
_cell.length_c   47.201
_cell.angle_alpha   90.00
_cell.angle_beta   90.00
_cell.angle_gamma   90.00
#
_symmetry.space_group_name_H-M   'P 21 21 2'
#
loop_
_entity.id
_entity.type
_entity.pdbx_description
1 polymer 'Retinoid X receptor, alpha'
2 non-polymer 1,8-dihydroxyanthracene-9,10-dione
3 water water
#
_entity_poly.entity_id   1
_entity_poly.type   'polypeptide(L)'
_entity_poly.pdbx_seq_one_letter_code
;TSSANEDMPVERILEAELAVEPKTETYVEANMGLNPSSPNDPVTNICQAADKQLFTLVEWAKRIPHFSELPLDDQVILLR
AGWNELLIASFSHRSIAVKDGILLATGLHVHRNSAHSAGVGAIFDRVLTELVSKMRDMQMDKTELGCLRAIVLFNPDSKG
LSNPAEVEALREKVYASLEAYCKHKYPEQPGRFAKLLLRLPALRSIGLKCLEHLFFFKLIGDTPIDTFLMEMLEAPHQMT
;
_entity_poly.pdbx_strand_id   A,B
#
# COMPACT_ATOMS: atom_id res chain seq x y z
N ASP A 41 29.80 19.65 -13.61
CA ASP A 41 30.06 18.24 -13.37
C ASP A 41 29.04 17.52 -12.50
N PRO A 42 28.49 16.49 -13.09
CA PRO A 42 27.23 15.90 -12.70
C PRO A 42 27.05 15.22 -11.36
N VAL A 43 27.88 14.29 -10.97
CA VAL A 43 27.54 13.55 -9.80
C VAL A 43 27.48 14.37 -8.54
N THR A 44 28.46 15.21 -8.29
CA THR A 44 28.47 16.04 -7.09
C THR A 44 27.30 16.97 -7.07
N ASN A 45 26.90 17.39 -8.23
CA ASN A 45 25.79 18.24 -8.43
C ASN A 45 24.47 17.61 -8.08
N ILE A 46 24.33 16.34 -8.40
CA ILE A 46 23.19 15.52 -8.04
C ILE A 46 23.14 15.29 -6.55
N CYS A 47 24.28 15.13 -5.90
CA CYS A 47 24.33 14.98 -4.47
C CYS A 47 23.82 16.25 -3.80
N GLN A 48 24.10 17.40 -4.39
CA GLN A 48 23.67 18.72 -3.96
C GLN A 48 22.20 18.91 -3.96
N ALA A 49 21.55 18.33 -4.95
CA ALA A 49 20.10 18.23 -5.08
C ALA A 49 19.41 17.33 -4.09
N ALA A 50 20.01 16.23 -3.77
CA ALA A 50 19.49 15.35 -2.76
C ALA A 50 19.54 15.97 -1.42
N ASP A 51 20.63 16.64 -1.14
CA ASP A 51 20.81 17.32 0.09
C ASP A 51 19.81 18.42 0.23
N LYS A 52 19.57 19.19 -0.81
CA LYS A 52 18.65 20.29 -0.74
C LYS A 52 17.21 19.88 -0.46
N GLN A 53 16.75 18.81 -1.10
CA GLN A 53 15.51 18.13 -0.79
C GLN A 53 15.85 17.15 0.26
N LEU A 54 14.97 16.99 1.19
CA LEU A 54 15.33 16.29 2.37
C LEU A 54 16.01 17.13 3.42
N PHE A 55 16.28 18.40 3.14
CA PHE A 55 16.66 19.33 4.18
C PHE A 55 15.37 20.10 4.12
N THR A 56 14.85 20.33 2.93
CA THR A 56 13.58 20.93 2.78
C THR A 56 12.53 20.06 3.42
N LEU A 57 12.56 18.76 3.19
CA LEU A 57 11.57 17.90 3.77
C LEU A 57 11.65 17.92 5.25
N VAL A 58 12.84 17.90 5.80
CA VAL A 58 13.02 18.03 7.22
C VAL A 58 12.57 19.38 7.75
N GLU A 59 12.69 20.41 6.95
CA GLU A 59 12.14 21.71 7.29
C GLU A 59 10.62 21.73 7.33
N TRP A 60 9.98 21.05 6.42
CA TRP A 60 8.54 20.92 6.42
C TRP A 60 8.10 20.17 7.64
N ALA A 61 8.82 19.13 7.94
CA ALA A 61 8.55 18.30 9.05
C ALA A 61 8.67 19.03 10.34
N LYS A 62 9.64 19.90 10.51
CA LYS A 62 9.79 20.67 11.73
C LYS A 62 8.63 21.61 11.97
N ARG A 63 8.03 22.08 10.90
CA ARG A 63 6.94 22.99 11.01
C ARG A 63 5.58 22.35 11.28
N ILE A 64 5.49 21.04 11.23
CA ILE A 64 4.26 20.34 11.59
C ILE A 64 4.14 20.40 13.09
N PRO A 65 2.95 20.63 13.62
CA PRO A 65 2.85 20.72 15.04
C PRO A 65 3.17 19.41 15.70
N HIS A 66 4.03 19.46 16.68
CA HIS A 66 4.31 18.35 17.55
C HIS A 66 5.30 17.33 17.06
N PHE A 67 5.87 17.50 15.87
CA PHE A 67 6.92 16.62 15.39
C PHE A 67 8.20 16.74 16.18
N SER A 68 8.56 17.97 16.51
CA SER A 68 9.71 18.31 17.33
C SER A 68 9.63 17.93 18.82
N GLU A 69 8.43 17.83 19.34
CA GLU A 69 8.18 17.41 20.69
C GLU A 69 8.50 15.94 20.86
N LEU A 70 8.53 15.23 19.75
CA LEU A 70 8.88 13.84 19.71
C LEU A 70 10.33 13.66 20.02
N PRO A 71 10.65 12.50 20.53
CA PRO A 71 12.00 12.18 20.88
C PRO A 71 12.84 12.19 19.64
N LEU A 72 14.10 12.58 19.73
CA LEU A 72 14.85 12.82 18.52
C LEU A 72 15.04 11.58 17.72
N ASP A 73 15.23 10.48 18.40
CA ASP A 73 15.44 9.23 17.72
C ASP A 73 14.21 8.87 16.94
N ASP A 74 13.04 9.24 17.41
CA ASP A 74 11.79 9.10 16.71
C ASP A 74 11.64 9.91 15.42
N GLN A 75 12.09 11.14 15.45
CA GLN A 75 11.91 12.04 14.40
C GLN A 75 12.60 11.52 13.20
N VAL A 76 13.77 10.93 13.39
CA VAL A 76 14.56 10.26 12.35
C VAL A 76 13.93 9.02 11.79
N ILE A 77 13.40 8.20 12.66
CA ILE A 77 12.80 6.97 12.24
C ILE A 77 11.61 7.21 11.32
N LEU A 78 10.85 8.25 11.60
CA LEU A 78 9.77 8.77 10.77
C LEU A 78 10.17 9.37 9.45
N LEU A 79 11.24 10.13 9.42
CA LEU A 79 11.76 10.65 8.19
C LEU A 79 12.29 9.61 7.26
N ARG A 80 13.00 8.63 7.77
CA ARG A 80 13.41 7.49 6.98
C ARG A 80 12.30 6.56 6.52
N ALA A 81 11.28 6.39 7.31
CA ALA A 81 10.17 5.60 6.90
C ALA A 81 9.38 6.23 5.78
N GLY A 82 9.33 7.54 5.78
CA GLY A 82 8.48 8.30 4.93
C GLY A 82 9.02 9.21 3.90
N TRP A 83 10.31 9.28 3.67
CA TRP A 83 10.86 10.25 2.76
C TRP A 83 10.37 10.12 1.33
N ASN A 84 10.27 8.91 0.82
CA ASN A 84 9.70 8.67 -0.51
C ASN A 84 8.23 8.95 -0.75
N GLU A 85 7.36 8.52 0.14
CA GLU A 85 5.95 8.80 0.05
C GLU A 85 5.70 10.29 0.16
N LEU A 86 6.39 10.94 1.08
CA LEU A 86 6.32 12.38 1.27
C LEU A 86 6.80 13.20 0.10
N LEU A 87 7.84 12.79 -0.55
CA LEU A 87 8.29 13.36 -1.79
C LEU A 87 7.39 13.20 -3.03
N ILE A 88 6.91 12.00 -3.26
CA ILE A 88 6.01 11.63 -4.33
C ILE A 88 4.65 12.32 -4.26
N ALA A 89 4.12 12.43 -3.05
CA ALA A 89 2.89 13.12 -2.77
C ALA A 89 3.02 14.57 -3.10
N SER A 90 4.16 15.16 -2.83
CA SER A 90 4.58 16.46 -3.32
C SER A 90 4.86 16.67 -4.80
N PHE A 91 5.70 15.87 -5.40
CA PHE A 91 5.99 16.00 -6.80
C PHE A 91 4.72 15.78 -7.61
N SER A 92 3.84 14.92 -7.13
CA SER A 92 2.56 14.65 -7.75
C SER A 92 1.53 15.74 -7.74
N HIS A 93 1.35 16.45 -6.64
CA HIS A 93 0.44 17.58 -6.56
C HIS A 93 0.92 18.81 -7.32
N ARG A 94 2.22 19.00 -7.35
CA ARG A 94 2.84 20.05 -8.12
C ARG A 94 2.58 19.83 -9.58
N SER A 95 2.49 18.61 -9.99
CA SER A 95 2.57 18.22 -11.36
C SER A 95 1.21 18.26 -11.92
N ILE A 96 0.28 18.78 -11.15
CA ILE A 96 -1.11 18.90 -11.54
C ILE A 96 -1.27 19.86 -12.75
N ALA A 97 -0.30 20.74 -12.91
CA ALA A 97 -0.28 21.83 -13.85
C ALA A 97 0.35 21.43 -15.14
N VAL A 98 0.56 20.16 -15.31
CA VAL A 98 1.31 19.71 -16.40
C VAL A 98 0.53 18.60 -17.03
N LYS A 99 0.62 18.46 -18.33
CA LYS A 99 -0.06 17.37 -18.97
C LYS A 99 1.00 16.35 -19.25
N ASP A 100 0.79 15.14 -18.77
CA ASP A 100 1.79 14.12 -19.05
C ASP A 100 3.21 14.44 -18.69
N GLY A 101 3.54 14.68 -17.42
CA GLY A 101 4.92 14.84 -17.02
C GLY A 101 5.07 14.88 -15.52
N ILE A 102 6.27 15.03 -14.98
CA ILE A 102 6.45 15.31 -13.56
C ILE A 102 7.23 16.58 -13.34
N LEU A 103 6.76 17.45 -12.46
CA LEU A 103 7.43 18.76 -12.26
C LEU A 103 8.14 18.95 -10.90
N LEU A 104 9.44 19.25 -10.96
CA LEU A 104 10.33 19.13 -9.80
C LEU A 104 10.51 20.31 -8.82
N ALA A 105 10.02 21.48 -9.18
CA ALA A 105 10.10 22.64 -8.29
C ALA A 105 11.45 23.28 -8.40
N THR A 106 12.25 22.78 -9.32
CA THR A 106 13.38 23.50 -9.79
C THR A 106 12.87 24.12 -11.06
N GLY A 107 11.65 23.73 -11.39
CA GLY A 107 11.01 24.10 -12.62
C GLY A 107 11.24 23.09 -13.72
N LEU A 108 12.06 22.08 -13.49
CA LEU A 108 12.33 21.12 -14.55
C LEU A 108 11.11 20.25 -14.70
N HIS A 109 10.55 20.20 -15.88
CA HIS A 109 9.39 19.38 -16.05
C HIS A 109 9.73 18.15 -16.85
N VAL A 110 9.55 16.98 -16.23
CA VAL A 110 10.13 15.73 -16.71
C VAL A 110 9.18 14.70 -17.31
N HIS A 111 9.67 13.99 -18.31
CA HIS A 111 8.89 13.10 -19.14
C HIS A 111 9.49 11.73 -19.26
N ARG A 112 8.70 10.79 -19.70
CA ARG A 112 9.13 9.45 -20.01
C ARG A 112 9.94 9.48 -21.30
N ASN A 113 10.99 8.68 -21.34
CA ASN A 113 11.87 8.68 -22.48
C ASN A 113 12.03 7.29 -23.07
N SER A 114 12.60 7.24 -24.25
CA SER A 114 12.62 6.05 -25.05
C SER A 114 13.40 4.93 -24.42
N ALA A 115 14.48 5.31 -23.77
CA ALA A 115 15.46 4.35 -23.33
C ALA A 115 15.34 3.96 -21.86
N HIS A 116 14.20 4.30 -21.27
CA HIS A 116 13.85 3.94 -19.90
C HIS A 116 13.48 2.49 -19.70
N SER A 117 13.83 1.95 -18.55
CA SER A 117 13.52 0.60 -18.22
C SER A 117 12.07 0.50 -17.91
N ALA A 118 11.53 -0.68 -18.05
CA ALA A 118 10.13 -0.84 -18.10
C ALA A 118 9.69 -0.28 -16.85
N GLY A 119 10.50 -0.51 -15.83
CA GLY A 119 10.19 -0.10 -14.48
C GLY A 119 10.08 1.35 -14.22
N VAL A 120 11.01 2.15 -14.71
CA VAL A 120 10.95 3.59 -14.60
C VAL A 120 9.78 4.19 -15.37
N GLY A 121 9.50 3.67 -16.53
CA GLY A 121 8.38 4.15 -17.29
C GLY A 121 7.08 3.91 -16.58
N ALA A 122 6.95 2.77 -15.96
CA ALA A 122 5.78 2.38 -15.22
C ALA A 122 5.55 3.20 -14.00
N ILE A 123 6.60 3.61 -13.32
CA ILE A 123 6.45 4.52 -12.23
C ILE A 123 5.92 5.84 -12.73
N PHE A 124 6.33 6.27 -13.89
CA PHE A 124 5.79 7.49 -14.39
C PHE A 124 4.33 7.35 -14.60
N ASP A 125 3.92 6.26 -15.18
CA ASP A 125 2.54 6.02 -15.54
C ASP A 125 1.59 5.88 -14.35
N ARG A 126 2.09 5.24 -13.32
CA ARG A 126 1.44 5.13 -12.06
C ARG A 126 1.30 6.44 -11.30
N VAL A 127 2.28 7.30 -11.36
CA VAL A 127 2.16 8.57 -10.70
C VAL A 127 1.00 9.34 -11.28
N LEU A 128 0.92 9.43 -12.59
CA LEU A 128 -0.19 10.03 -13.29
C LEU A 128 -1.54 9.39 -13.24
N THR A 129 -1.61 8.09 -13.37
CA THR A 129 -2.87 7.41 -13.26
C THR A 129 -3.51 7.38 -11.87
N GLU A 130 -2.72 7.01 -10.88
CA GLU A 130 -3.15 6.84 -9.50
C GLU A 130 -3.05 8.04 -8.58
N LEU A 131 -2.19 8.99 -8.88
CA LEU A 131 -2.02 10.18 -8.06
C LEU A 131 -2.35 11.51 -8.70
N VAL A 132 -1.62 11.90 -9.71
CA VAL A 132 -1.81 13.20 -10.32
C VAL A 132 -3.14 13.43 -11.00
N SER A 133 -3.63 12.50 -11.77
CA SER A 133 -4.90 12.71 -12.37
C SER A 133 -6.06 12.71 -11.41
N LYS A 134 -5.97 11.95 -10.34
CA LYS A 134 -6.90 11.98 -9.27
C LYS A 134 -6.83 13.21 -8.43
N MET A 135 -5.65 13.66 -8.09
CA MET A 135 -5.53 14.80 -7.24
C MET A 135 -6.14 15.86 -8.03
N ARG A 136 -5.88 15.81 -9.32
CA ARG A 136 -6.44 16.71 -10.28
C ARG A 136 -7.94 16.72 -10.52
N ASP A 137 -8.55 15.57 -10.74
CA ASP A 137 -9.98 15.46 -10.98
C ASP A 137 -10.77 15.96 -9.81
N MET A 138 -10.30 15.71 -8.61
CA MET A 138 -10.97 16.16 -7.44
C MET A 138 -10.51 17.51 -7.01
N GLN A 139 -9.52 18.07 -7.67
CA GLN A 139 -9.03 19.37 -7.27
C GLN A 139 -8.53 19.43 -5.84
N MET A 140 -7.65 18.51 -5.47
CA MET A 140 -7.14 18.38 -4.13
C MET A 140 -6.45 19.65 -3.85
N ASP A 141 -6.62 20.15 -2.65
CA ASP A 141 -6.07 21.42 -2.27
C ASP A 141 -4.84 21.23 -1.40
N LYS A 142 -4.09 22.29 -1.24
CA LYS A 142 -2.87 22.29 -0.48
C LYS A 142 -3.02 22.05 0.99
N THR A 143 -4.12 22.47 1.57
CA THR A 143 -4.35 22.19 2.95
C THR A 143 -4.54 20.73 3.09
N GLU A 144 -5.35 20.18 2.21
CA GLU A 144 -5.71 18.78 2.19
C GLU A 144 -4.49 17.89 1.96
N LEU A 145 -3.66 18.27 1.02
CA LEU A 145 -2.42 17.61 0.76
C LEU A 145 -1.43 17.67 1.86
N GLY A 146 -1.33 18.78 2.52
CA GLY A 146 -0.49 18.85 3.66
C GLY A 146 -0.91 17.97 4.77
N CYS A 147 -2.20 17.86 4.98
CA CYS A 147 -2.74 17.00 5.99
C CYS A 147 -2.42 15.56 5.69
N LEU A 148 -2.48 15.17 4.44
CA LEU A 148 -2.12 13.85 4.01
C LEU A 148 -0.69 13.46 4.26
N ARG A 149 0.23 14.37 4.04
CA ARG A 149 1.63 14.14 4.32
C ARG A 149 1.95 13.99 5.79
N ALA A 150 1.29 14.75 6.62
CA ALA A 150 1.37 14.70 8.05
C ALA A 150 0.88 13.39 8.58
N ILE A 151 -0.16 12.86 7.97
CA ILE A 151 -0.62 11.50 8.23
C ILE A 151 0.33 10.44 7.74
N VAL A 152 0.93 10.63 6.58
CA VAL A 152 1.99 9.78 6.07
C VAL A 152 3.22 9.82 6.97
N LEU A 153 3.59 11.01 7.37
CA LEU A 153 4.72 11.25 8.24
C LEU A 153 4.62 10.66 9.61
N PHE A 154 3.49 10.84 10.25
CA PHE A 154 3.22 10.25 11.53
C PHE A 154 2.75 8.82 11.33
N ASN A 155 3.66 7.89 11.12
CA ASN A 155 3.38 6.49 10.86
C ASN A 155 3.73 5.67 12.07
N PRO A 156 2.74 5.11 12.74
CA PRO A 156 2.95 4.41 13.99
C PRO A 156 3.54 3.05 13.76
N ASP A 157 3.57 2.67 12.51
CA ASP A 157 4.08 1.39 12.13
C ASP A 157 5.54 1.39 11.87
N SER A 158 6.17 2.56 11.82
CA SER A 158 7.58 2.66 11.56
C SER A 158 8.37 1.96 12.64
N LYS A 159 9.36 1.20 12.26
CA LYS A 159 10.06 0.35 13.17
C LYS A 159 11.03 1.04 14.05
N GLY A 160 11.04 0.64 15.30
CA GLY A 160 11.95 1.21 16.27
C GLY A 160 11.50 2.38 17.09
N LEU A 161 10.29 2.82 16.91
CA LEU A 161 9.77 3.96 17.58
C LEU A 161 9.75 3.71 19.03
N SER A 162 10.12 4.70 19.81
CA SER A 162 10.07 4.61 21.24
C SER A 162 8.68 4.55 21.78
N ASN A 163 7.82 5.42 21.32
CA ASN A 163 6.42 5.37 21.65
C ASN A 163 5.53 5.32 20.43
N PRO A 164 5.14 4.15 20.00
CA PRO A 164 4.31 4.00 18.83
C PRO A 164 2.97 4.59 19.01
N ALA A 165 2.45 4.49 20.21
CA ALA A 165 1.16 5.00 20.53
C ALA A 165 0.99 6.49 20.49
N GLU A 166 2.00 7.26 20.74
CA GLU A 166 1.74 8.68 20.66
C GLU A 166 1.98 9.26 19.28
N VAL A 167 2.52 8.45 18.39
CA VAL A 167 2.46 8.71 16.98
C VAL A 167 1.05 8.47 16.47
N GLU A 168 0.44 7.42 16.93
CA GLU A 168 -0.89 7.13 16.52
C GLU A 168 -1.78 8.25 16.93
N ALA A 169 -1.58 8.79 18.12
CA ALA A 169 -2.37 9.93 18.59
C ALA A 169 -2.23 11.18 17.75
N LEU A 170 -1.04 11.57 17.39
CA LEU A 170 -0.80 12.66 16.48
C LEU A 170 -1.33 12.42 15.10
N ARG A 171 -1.25 11.20 14.60
CA ARG A 171 -1.87 10.79 13.36
C ARG A 171 -3.38 10.97 13.47
N GLU A 172 -3.97 10.62 14.60
CA GLU A 172 -5.41 10.83 14.80
C GLU A 172 -5.87 12.29 14.83
N LYS A 173 -5.11 13.14 15.48
CA LYS A 173 -5.42 14.54 15.52
C LYS A 173 -5.35 15.17 14.16
N VAL A 174 -4.37 14.81 13.35
CA VAL A 174 -4.26 15.39 12.04
C VAL A 174 -5.38 15.07 11.14
N TYR A 175 -5.74 13.82 11.04
CA TYR A 175 -6.83 13.36 10.20
C TYR A 175 -8.21 13.78 10.62
N ALA A 176 -8.37 13.99 11.90
CA ALA A 176 -9.58 14.50 12.49
C ALA A 176 -9.88 15.90 12.09
N SER A 177 -8.83 16.71 12.05
CA SER A 177 -8.87 18.04 11.52
C SER A 177 -9.10 18.10 10.02
N LEU A 178 -8.51 17.19 9.30
CA LEU A 178 -8.71 17.05 7.88
C LEU A 178 -10.14 16.67 7.64
N GLU A 179 -10.75 15.85 8.47
CA GLU A 179 -12.11 15.54 8.23
C GLU A 179 -12.97 16.75 8.36
N ALA A 180 -12.76 17.50 9.42
CA ALA A 180 -13.52 18.69 9.69
C ALA A 180 -13.40 19.74 8.62
N TYR A 181 -12.22 19.90 8.06
CA TYR A 181 -11.96 20.83 6.99
C TYR A 181 -12.76 20.48 5.77
N CYS A 182 -12.78 19.22 5.41
CA CYS A 182 -13.44 18.75 4.23
C CYS A 182 -14.91 18.95 4.35
N LYS A 183 -15.43 18.66 5.52
CA LYS A 183 -16.84 18.72 5.85
C LYS A 183 -17.33 20.14 5.93
N HIS A 184 -16.42 21.10 5.90
CA HIS A 184 -16.78 22.49 5.98
C HIS A 184 -16.53 23.25 4.70
N LYS A 185 -15.35 23.13 4.13
CA LYS A 185 -15.02 23.68 2.85
C LYS A 185 -15.78 23.08 1.71
N TYR A 186 -16.10 21.79 1.78
CA TYR A 186 -16.85 21.15 0.72
C TYR A 186 -17.99 20.26 1.12
N PRO A 187 -19.04 20.74 1.74
CA PRO A 187 -20.05 19.89 2.41
C PRO A 187 -21.04 19.17 1.53
N GLU A 188 -21.04 19.59 0.28
CA GLU A 188 -21.73 18.98 -0.82
C GLU A 188 -21.17 17.60 -1.13
N GLN A 189 -19.88 17.40 -0.90
CA GLN A 189 -19.20 16.15 -1.14
C GLN A 189 -18.83 15.49 0.14
N PRO A 190 -19.72 14.64 0.67
CA PRO A 190 -19.51 13.95 1.94
C PRO A 190 -18.45 12.85 2.00
N GLY A 191 -18.08 12.27 0.89
CA GLY A 191 -17.06 11.25 0.89
C GLY A 191 -15.64 11.69 0.64
N ARG A 192 -15.41 12.97 0.52
CA ARG A 192 -14.14 13.49 0.11
C ARG A 192 -13.02 13.15 1.06
N PHE A 193 -13.30 13.13 2.34
CA PHE A 193 -12.27 12.83 3.32
C PHE A 193 -11.74 11.43 3.11
N ALA A 194 -12.63 10.49 2.91
CA ALA A 194 -12.27 9.12 2.65
C ALA A 194 -11.53 8.92 1.35
N LYS A 195 -11.95 9.61 0.33
CA LYS A 195 -11.38 9.56 -0.97
C LYS A 195 -9.97 10.01 -0.91
N LEU A 196 -9.68 10.97 -0.08
CA LEU A 196 -8.33 11.40 0.15
C LEU A 196 -7.47 10.36 0.83
N LEU A 197 -7.99 9.79 1.91
CA LEU A 197 -7.30 8.77 2.65
C LEU A 197 -7.09 7.54 1.84
N LEU A 198 -7.91 7.30 0.86
CA LEU A 198 -7.87 6.09 0.05
C LEU A 198 -6.99 6.21 -1.16
N ARG A 199 -6.35 7.35 -1.26
CA ARG A 199 -5.24 7.51 -2.14
C ARG A 199 -3.98 7.06 -1.46
N LEU A 200 -4.02 6.89 -0.16
CA LEU A 200 -2.87 6.46 0.59
C LEU A 200 -2.34 5.08 0.28
N PRO A 201 -3.15 4.09 -0.06
CA PRO A 201 -2.59 2.82 -0.44
C PRO A 201 -1.71 2.85 -1.68
N ALA A 202 -2.11 3.60 -2.68
CA ALA A 202 -1.37 3.84 -3.89
C ALA A 202 -0.04 4.53 -3.63
N LEU A 203 0.00 5.43 -2.68
CA LEU A 203 1.22 6.11 -2.30
C LEU A 203 2.24 5.13 -1.77
N ARG A 204 1.74 4.15 -1.06
CA ARG A 204 2.50 3.07 -0.54
C ARG A 204 3.12 2.16 -1.58
N SER A 205 2.36 1.75 -2.55
CA SER A 205 2.83 0.98 -3.67
C SER A 205 3.82 1.71 -4.52
N ILE A 206 3.49 2.91 -4.90
CA ILE A 206 4.41 3.73 -5.62
C ILE A 206 5.63 4.08 -4.80
N GLY A 207 5.49 4.30 -3.53
CA GLY A 207 6.62 4.67 -2.77
C GLY A 207 7.63 3.61 -2.75
N LEU A 208 7.17 2.37 -2.68
CA LEU A 208 7.96 1.15 -2.71
C LEU A 208 8.69 0.86 -3.99
N LYS A 209 8.06 1.13 -5.12
CA LYS A 209 8.66 1.03 -6.41
C LYS A 209 9.73 2.07 -6.68
N CYS A 210 9.49 3.28 -6.22
CA CYS A 210 10.40 4.37 -6.35
C CYS A 210 11.68 4.10 -5.56
N LEU A 211 11.57 3.48 -4.41
CA LEU A 211 12.71 3.00 -3.67
C LEU A 211 13.42 1.88 -4.42
N GLU A 212 12.67 0.99 -5.00
CA GLU A 212 13.21 -0.08 -5.77
C GLU A 212 13.96 0.28 -7.04
N HIS A 213 13.43 1.19 -7.83
CA HIS A 213 14.07 1.57 -9.08
C HIS A 213 14.89 2.84 -9.01
N LEU A 214 15.19 3.31 -7.83
CA LEU A 214 15.97 4.53 -7.69
C LEU A 214 15.39 5.73 -8.41
N PHE A 215 14.09 5.94 -8.32
CA PHE A 215 13.38 6.94 -9.09
C PHE A 215 13.79 8.36 -8.81
N PHE A 216 14.10 8.69 -7.56
CA PHE A 216 14.57 10.01 -7.19
C PHE A 216 15.88 10.30 -7.82
N PHE A 217 16.83 9.39 -7.77
CA PHE A 217 18.15 9.68 -8.28
C PHE A 217 18.07 10.00 -9.71
N LYS A 218 17.12 9.41 -10.41
CA LYS A 218 17.01 9.48 -11.84
C LYS A 218 16.11 10.57 -12.30
N LEU A 219 15.63 11.34 -11.36
CA LEU A 219 14.71 12.39 -11.66
C LEU A 219 15.55 13.60 -11.60
N ILE A 220 16.17 13.75 -10.47
CA ILE A 220 17.09 14.80 -10.30
C ILE A 220 18.32 14.60 -11.17
N GLY A 221 18.74 13.38 -11.31
CA GLY A 221 19.98 13.11 -11.97
C GLY A 221 20.04 12.69 -13.41
N ASP A 222 18.94 12.48 -14.06
CA ASP A 222 19.03 12.16 -15.47
C ASP A 222 19.51 13.28 -16.34
N THR A 223 18.97 14.46 -16.20
CA THR A 223 19.42 15.53 -17.07
C THR A 223 20.88 15.90 -16.91
N PRO A 224 21.40 16.07 -15.71
CA PRO A 224 22.81 16.41 -15.56
C PRO A 224 23.78 15.36 -16.10
N ILE A 225 23.46 14.07 -15.93
CA ILE A 225 24.26 12.99 -16.48
C ILE A 225 24.30 12.94 -18.00
N ASP A 226 23.15 12.99 -18.64
CA ASP A 226 23.03 12.97 -20.09
C ASP A 226 23.66 14.19 -20.72
N THR A 227 23.48 15.34 -20.11
CA THR A 227 24.08 16.59 -20.55
C THR A 227 25.58 16.64 -20.43
N PHE A 228 26.14 16.06 -19.38
CA PHE A 228 27.57 15.94 -19.28
C PHE A 228 28.17 15.02 -20.30
N LEU A 229 27.50 13.91 -20.56
CA LEU A 229 27.96 12.91 -21.48
C LEU A 229 28.11 13.49 -22.86
N MET A 230 27.31 14.49 -23.13
CA MET A 230 27.42 15.32 -24.29
C MET A 230 28.39 16.48 -24.09
N GLU A 231 29.57 16.17 -23.61
CA GLU A 231 30.80 16.88 -23.79
C GLU A 231 31.77 15.71 -24.10
N MET A 232 31.24 14.77 -24.86
CA MET A 232 31.94 13.68 -25.45
C MET A 232 31.73 13.76 -26.89
N LEU A 233 31.40 14.93 -27.42
CA LEU A 233 31.38 15.16 -28.84
C LEU A 233 31.57 16.60 -29.23
N PRO B 42 -6.23 -35.84 -7.30
CA PRO B 42 -5.44 -37.05 -7.08
C PRO B 42 -4.96 -37.17 -5.65
N VAL B 43 -4.29 -38.25 -5.33
CA VAL B 43 -3.77 -38.49 -3.98
C VAL B 43 -2.69 -37.51 -3.47
N THR B 44 -1.63 -37.26 -4.22
CA THR B 44 -0.46 -36.51 -3.73
C THR B 44 -0.56 -35.03 -3.86
N ASN B 45 -1.74 -34.57 -4.22
CA ASN B 45 -2.00 -33.23 -4.71
C ASN B 45 -2.81 -32.34 -3.75
N ILE B 46 -2.57 -32.50 -2.47
CA ILE B 46 -3.23 -31.70 -1.44
C ILE B 46 -2.60 -30.33 -1.36
N CYS B 47 -3.19 -29.35 -0.73
CA CYS B 47 -2.50 -28.09 -0.76
C CYS B 47 -2.61 -27.33 -2.10
N GLN B 48 -2.28 -27.92 -3.23
CA GLN B 48 -2.52 -27.18 -4.45
C GLN B 48 -4.02 -27.14 -4.43
N ALA B 49 -4.62 -27.88 -3.54
CA ALA B 49 -6.03 -27.74 -3.45
C ALA B 49 -6.20 -26.50 -2.59
N ALA B 50 -5.75 -25.38 -3.15
CA ALA B 50 -6.00 -24.06 -2.67
C ALA B 50 -7.02 -23.35 -3.55
N ASP B 51 -7.64 -24.09 -4.46
CA ASP B 51 -8.75 -23.55 -5.22
C ASP B 51 -10.06 -23.69 -4.48
N LYS B 52 -10.02 -24.40 -3.38
CA LYS B 52 -11.09 -24.37 -2.43
C LYS B 52 -11.19 -23.00 -1.83
N GLN B 53 -10.05 -22.41 -1.52
CA GLN B 53 -9.92 -21.05 -1.08
C GLN B 53 -10.25 -20.11 -2.17
N LEU B 54 -9.92 -20.49 -3.38
CA LEU B 54 -10.26 -19.75 -4.56
C LEU B 54 -11.72 -19.77 -4.82
N PHE B 55 -12.36 -20.91 -4.65
CA PHE B 55 -13.77 -21.05 -4.87
C PHE B 55 -14.53 -20.17 -3.92
N THR B 56 -14.15 -20.19 -2.67
CA THR B 56 -14.82 -19.49 -1.62
C THR B 56 -14.81 -17.99 -1.83
N LEU B 57 -13.73 -17.46 -2.34
CA LEU B 57 -13.60 -16.07 -2.63
C LEU B 57 -14.45 -15.56 -3.75
N VAL B 58 -14.51 -16.27 -4.84
CA VAL B 58 -15.33 -15.87 -5.94
C VAL B 58 -16.75 -15.94 -5.59
N GLU B 59 -17.09 -16.86 -4.72
CA GLU B 59 -18.45 -16.99 -4.20
C GLU B 59 -18.85 -15.79 -3.36
N TRP B 60 -17.97 -15.33 -2.48
CA TRP B 60 -18.17 -14.12 -1.71
C TRP B 60 -18.26 -12.90 -2.57
N ALA B 61 -17.46 -12.76 -3.60
CA ALA B 61 -17.52 -11.58 -4.44
C ALA B 61 -18.83 -11.41 -5.17
N LYS B 62 -19.41 -12.49 -5.64
CA LYS B 62 -20.65 -12.53 -6.34
C LYS B 62 -21.77 -12.02 -5.49
N ARG B 63 -21.70 -12.25 -4.20
CA ARG B 63 -22.61 -11.72 -3.19
C ARG B 63 -22.63 -10.21 -2.94
N ILE B 64 -21.51 -9.53 -3.13
CA ILE B 64 -21.41 -8.10 -2.88
C ILE B 64 -22.34 -7.38 -3.79
N PRO B 65 -23.01 -6.40 -3.28
CA PRO B 65 -23.96 -5.77 -4.15
C PRO B 65 -23.22 -5.20 -5.29
N HIS B 66 -23.70 -5.47 -6.47
CA HIS B 66 -23.36 -4.77 -7.68
C HIS B 66 -22.13 -5.27 -8.38
N PHE B 67 -21.45 -6.24 -7.81
CA PHE B 67 -20.25 -6.79 -8.38
C PHE B 67 -20.49 -7.46 -9.69
N SER B 68 -21.59 -8.17 -9.81
CA SER B 68 -21.87 -9.00 -10.94
C SER B 68 -22.38 -8.16 -12.10
N GLU B 69 -22.63 -6.90 -11.83
CA GLU B 69 -23.21 -6.04 -12.82
C GLU B 69 -22.12 -5.41 -13.60
N LEU B 70 -20.92 -5.55 -13.12
CA LEU B 70 -19.76 -5.04 -13.80
C LEU B 70 -19.49 -5.90 -14.98
N PRO B 71 -18.72 -5.41 -15.90
CA PRO B 71 -18.37 -6.18 -17.09
C PRO B 71 -17.59 -7.39 -16.71
N LEU B 72 -17.82 -8.53 -17.33
CA LEU B 72 -17.25 -9.77 -16.86
C LEU B 72 -15.74 -9.77 -16.84
N ASP B 73 -15.11 -9.08 -17.74
CA ASP B 73 -13.67 -8.90 -17.69
C ASP B 73 -13.09 -8.09 -16.54
N ASP B 74 -13.83 -7.10 -16.09
CA ASP B 74 -13.51 -6.25 -14.96
C ASP B 74 -13.52 -7.03 -13.70
N GLN B 75 -14.45 -7.96 -13.60
CA GLN B 75 -14.63 -8.80 -12.45
C GLN B 75 -13.43 -9.68 -12.22
N VAL B 76 -12.97 -10.28 -13.30
CA VAL B 76 -11.79 -11.07 -13.34
C VAL B 76 -10.56 -10.24 -13.01
N ILE B 77 -10.48 -9.05 -13.52
CA ILE B 77 -9.38 -8.19 -13.19
C ILE B 77 -9.35 -7.82 -11.76
N LEU B 78 -10.51 -7.48 -11.20
CA LEU B 78 -10.65 -7.05 -9.82
C LEU B 78 -10.29 -8.11 -8.79
N LEU B 79 -10.69 -9.34 -9.06
CA LEU B 79 -10.23 -10.51 -8.37
C LEU B 79 -8.78 -10.96 -8.50
N ARG B 80 -8.21 -10.91 -9.68
CA ARG B 80 -6.82 -11.25 -9.85
C ARG B 80 -5.96 -10.29 -9.07
N ALA B 81 -6.39 -9.05 -9.08
CA ALA B 81 -5.86 -7.95 -8.31
C ALA B 81 -6.02 -7.90 -6.78
N GLY B 82 -7.15 -8.34 -6.26
CA GLY B 82 -7.32 -8.37 -4.84
C GLY B 82 -7.14 -9.66 -4.12
N TRP B 83 -6.95 -10.79 -4.80
CA TRP B 83 -7.05 -12.09 -4.19
C TRP B 83 -6.09 -12.18 -3.06
N ASN B 84 -4.97 -11.52 -3.23
CA ASN B 84 -3.93 -11.52 -2.28
C ASN B 84 -4.22 -10.79 -0.96
N GLU B 85 -4.61 -9.54 -1.01
CA GLU B 85 -4.96 -8.77 0.15
C GLU B 85 -6.23 -9.29 0.79
N LEU B 86 -7.12 -9.82 0.00
CA LEU B 86 -8.33 -10.39 0.52
C LEU B 86 -8.09 -11.58 1.37
N LEU B 87 -7.23 -12.47 0.97
CA LEU B 87 -6.91 -13.59 1.81
C LEU B 87 -6.15 -13.22 3.04
N ILE B 88 -5.18 -12.33 2.92
CA ILE B 88 -4.40 -11.85 4.04
C ILE B 88 -5.21 -11.11 5.05
N ALA B 89 -6.14 -10.28 4.60
CA ALA B 89 -6.99 -9.54 5.50
C ALA B 89 -7.85 -10.43 6.32
N SER B 90 -8.38 -11.46 5.70
CA SER B 90 -9.18 -12.51 6.31
C SER B 90 -8.49 -13.39 7.32
N PHE B 91 -7.31 -13.87 7.00
CA PHE B 91 -6.55 -14.68 7.92
C PHE B 91 -5.99 -13.97 9.13
N SER B 92 -5.72 -12.69 9.00
CA SER B 92 -5.31 -11.80 10.06
C SER B 92 -6.37 -11.52 11.04
N HIS B 93 -7.55 -11.28 10.53
CA HIS B 93 -8.69 -11.11 11.36
C HIS B 93 -9.03 -12.37 12.08
N ARG B 94 -8.96 -13.49 11.39
CA ARG B 94 -9.34 -14.75 11.97
C ARG B 94 -8.39 -15.19 13.05
N SER B 95 -7.26 -14.53 13.13
CA SER B 95 -6.24 -14.82 14.09
C SER B 95 -6.33 -14.05 15.38
N ILE B 96 -7.22 -13.09 15.45
CA ILE B 96 -7.49 -12.34 16.64
C ILE B 96 -8.07 -13.27 17.68
N ALA B 97 -8.62 -14.37 17.22
CA ALA B 97 -9.38 -15.22 18.07
C ALA B 97 -8.44 -16.16 18.77
N VAL B 98 -7.18 -16.08 18.42
CA VAL B 98 -6.17 -16.91 18.99
C VAL B 98 -5.04 -16.05 19.51
N LYS B 99 -4.54 -16.33 20.70
CA LYS B 99 -3.66 -15.41 21.40
C LYS B 99 -2.26 -15.30 20.88
N ASP B 100 -1.91 -16.05 19.85
CA ASP B 100 -0.67 -15.84 19.13
C ASP B 100 -0.77 -16.47 17.77
N GLY B 101 0.04 -16.00 16.83
CA GLY B 101 0.17 -16.67 15.57
C GLY B 101 -0.95 -16.41 14.63
N ILE B 102 -0.95 -17.12 13.52
CA ILE B 102 -1.88 -16.96 12.42
C ILE B 102 -2.70 -18.21 12.21
N LEU B 103 -4.00 -18.08 12.29
CA LEU B 103 -4.88 -19.18 12.05
C LEU B 103 -5.25 -19.18 10.60
N LEU B 104 -4.49 -19.84 9.77
CA LEU B 104 -4.80 -19.79 8.36
C LEU B 104 -6.13 -20.41 7.97
N ALA B 105 -6.28 -21.70 8.23
CA ALA B 105 -7.54 -22.43 8.05
C ALA B 105 -7.46 -23.87 8.59
N THR B 106 -8.59 -24.50 8.82
CA THR B 106 -8.61 -25.87 9.29
C THR B 106 -8.25 -25.96 10.76
N GLY B 107 -7.99 -24.82 11.34
CA GLY B 107 -7.37 -24.84 12.62
C GLY B 107 -5.87 -24.84 12.41
N LEU B 108 -5.43 -24.63 11.16
CA LEU B 108 -4.02 -24.67 10.83
C LEU B 108 -3.39 -23.46 11.41
N HIS B 109 -2.52 -23.68 12.39
CA HIS B 109 -2.02 -22.64 13.21
C HIS B 109 -0.53 -22.56 13.17
N VAL B 110 -0.02 -21.39 12.81
CA VAL B 110 1.37 -21.21 12.61
C VAL B 110 1.90 -20.32 13.69
N HIS B 111 2.95 -20.72 14.37
CA HIS B 111 3.44 -19.92 15.48
C HIS B 111 4.83 -19.38 15.14
N ARG B 112 5.33 -18.45 15.93
CA ARG B 112 6.47 -17.61 15.58
C ARG B 112 7.70 -18.43 15.28
N ASN B 113 7.81 -19.54 15.97
CA ASN B 113 8.90 -20.47 15.83
C ASN B 113 9.00 -21.08 14.47
N SER B 114 7.92 -21.58 13.90
CA SER B 114 8.04 -22.11 12.56
C SER B 114 8.37 -21.08 11.53
N ALA B 115 7.67 -19.96 11.56
CA ALA B 115 7.92 -18.96 10.57
C ALA B 115 9.34 -18.52 10.62
N HIS B 116 9.83 -18.21 11.79
CA HIS B 116 11.19 -17.80 11.89
C HIS B 116 12.16 -18.90 11.46
N SER B 117 11.80 -20.15 11.68
CA SER B 117 12.60 -21.26 11.19
C SER B 117 12.63 -21.30 9.69
N ALA B 118 11.49 -21.04 9.06
CA ALA B 118 11.40 -21.04 7.62
C ALA B 118 12.09 -19.87 6.99
N GLY B 119 12.54 -18.93 7.80
CA GLY B 119 13.19 -17.75 7.29
C GLY B 119 12.30 -16.65 6.81
N VAL B 120 11.05 -16.67 7.26
CA VAL B 120 10.02 -15.74 6.85
C VAL B 120 9.54 -14.93 8.02
N GLY B 121 10.45 -14.66 8.93
CA GLY B 121 10.14 -13.93 10.12
C GLY B 121 9.72 -12.52 10.01
N ALA B 122 10.36 -11.74 9.23
CA ALA B 122 9.93 -10.37 9.14
C ALA B 122 8.51 -10.20 8.64
N ILE B 123 8.09 -10.96 7.64
CA ILE B 123 6.74 -10.93 7.15
C ILE B 123 5.67 -11.43 8.11
N PHE B 124 5.96 -12.45 8.90
CA PHE B 124 5.11 -12.94 9.97
C PHE B 124 4.89 -11.88 11.05
N ASP B 125 5.94 -11.24 11.44
CA ASP B 125 5.86 -10.19 12.39
C ASP B 125 5.14 -9.01 11.84
N ARG B 126 5.31 -8.71 10.58
CA ARG B 126 4.61 -7.60 9.95
C ARG B 126 3.11 -7.75 9.90
N VAL B 127 2.64 -8.96 9.62
CA VAL B 127 1.25 -9.31 9.63
C VAL B 127 0.63 -9.23 11.00
N LEU B 128 1.36 -9.76 11.97
CA LEU B 128 1.04 -9.68 13.36
C LEU B 128 1.11 -8.33 14.02
N THR B 129 2.18 -7.59 13.85
CA THR B 129 2.25 -6.25 14.38
C THR B 129 1.41 -5.15 13.76
N GLU B 130 1.50 -5.05 12.45
CA GLU B 130 0.73 -4.18 11.60
C GLU B 130 -0.76 -4.44 11.41
N LEU B 131 -1.15 -5.69 11.32
CA LEU B 131 -2.55 -6.01 11.14
C LEU B 131 -3.22 -6.71 12.29
N VAL B 132 -2.80 -7.90 12.64
CA VAL B 132 -3.48 -8.69 13.65
C VAL B 132 -3.48 -8.04 14.99
N SER B 133 -2.38 -7.45 15.39
CA SER B 133 -2.32 -6.83 16.68
C SER B 133 -3.32 -5.71 16.72
N LYS B 134 -3.32 -4.91 15.68
CA LYS B 134 -4.18 -3.76 15.53
C LYS B 134 -5.62 -4.11 15.42
N MET B 135 -5.94 -5.19 14.74
CA MET B 135 -7.29 -5.61 14.61
C MET B 135 -7.81 -6.02 15.93
N ARG B 136 -7.00 -6.70 16.72
CA ARG B 136 -7.38 -7.07 18.08
C ARG B 136 -7.59 -5.92 19.03
N ASP B 137 -6.67 -4.98 19.09
CA ASP B 137 -6.77 -3.90 20.04
C ASP B 137 -8.00 -3.04 19.84
N MET B 138 -8.40 -2.85 18.60
CA MET B 138 -9.52 -2.02 18.31
C MET B 138 -10.81 -2.80 18.27
N GLN B 139 -10.69 -4.11 18.38
CA GLN B 139 -11.80 -5.02 18.20
C GLN B 139 -12.55 -4.91 16.89
N MET B 140 -11.87 -5.04 15.77
CA MET B 140 -12.48 -4.88 14.49
C MET B 140 -13.46 -6.01 14.39
N ASP B 141 -14.70 -5.73 14.07
CA ASP B 141 -15.68 -6.77 14.03
C ASP B 141 -15.75 -7.28 12.66
N LYS B 142 -16.52 -8.32 12.42
CA LYS B 142 -16.65 -8.98 11.14
C LYS B 142 -17.24 -8.17 10.04
N THR B 143 -18.16 -7.28 10.39
CA THR B 143 -18.76 -6.30 9.48
C THR B 143 -17.82 -5.22 8.96
N GLU B 144 -16.94 -4.73 9.80
CA GLU B 144 -15.89 -3.81 9.45
C GLU B 144 -14.80 -4.40 8.55
N LEU B 145 -14.45 -5.63 8.82
CA LEU B 145 -13.56 -6.41 8.02
C LEU B 145 -14.11 -6.71 6.65
N GLY B 146 -15.37 -6.99 6.57
CA GLY B 146 -16.05 -7.18 5.33
C GLY B 146 -16.12 -6.00 4.42
N CYS B 147 -16.25 -4.82 4.99
CA CYS B 147 -16.28 -3.57 4.27
C CYS B 147 -14.94 -3.19 3.72
N LEU B 148 -13.91 -3.39 4.49
CA LEU B 148 -12.59 -3.07 4.07
C LEU B 148 -12.26 -3.94 2.91
N ARG B 149 -12.66 -5.18 3.02
CA ARG B 149 -12.46 -6.18 2.00
C ARG B 149 -13.19 -5.91 0.71
N ALA B 150 -14.41 -5.46 0.80
CA ALA B 150 -15.13 -5.00 -0.34
C ALA B 150 -14.55 -3.80 -0.98
N ILE B 151 -14.00 -2.91 -0.19
CA ILE B 151 -13.24 -1.77 -0.65
C ILE B 151 -11.99 -2.20 -1.37
N VAL B 152 -11.35 -3.21 -0.90
CA VAL B 152 -10.25 -3.77 -1.60
C VAL B 152 -10.64 -4.35 -2.97
N LEU B 153 -11.74 -5.07 -3.05
CA LEU B 153 -12.18 -5.63 -4.31
C LEU B 153 -12.51 -4.62 -5.31
N PHE B 154 -13.30 -3.66 -4.97
CA PHE B 154 -13.59 -2.60 -5.87
C PHE B 154 -12.46 -1.56 -5.87
N ASN B 155 -11.36 -1.89 -6.50
CA ASN B 155 -10.17 -1.04 -6.56
C ASN B 155 -10.06 -0.43 -7.93
N PRO B 156 -10.02 0.87 -8.03
CA PRO B 156 -10.21 1.49 -9.30
C PRO B 156 -8.94 1.73 -10.07
N ASP B 157 -7.81 1.36 -9.48
CA ASP B 157 -6.48 1.48 -10.06
C ASP B 157 -6.00 0.20 -10.62
N SER B 158 -6.82 -0.81 -10.63
CA SER B 158 -6.40 -2.04 -11.21
C SER B 158 -6.23 -1.82 -12.68
N LYS B 159 -5.13 -2.32 -13.20
CA LYS B 159 -4.82 -2.19 -14.60
C LYS B 159 -5.72 -2.99 -15.53
N GLY B 160 -6.15 -2.37 -16.59
CA GLY B 160 -6.97 -3.05 -17.54
C GLY B 160 -8.45 -2.96 -17.41
N LEU B 161 -8.94 -2.13 -16.53
CA LEU B 161 -10.35 -1.97 -16.35
C LEU B 161 -10.99 -1.14 -17.45
N SER B 162 -12.06 -1.67 -18.01
CA SER B 162 -12.91 -0.96 -18.95
C SER B 162 -13.64 0.20 -18.35
N ASN B 163 -14.09 0.00 -17.15
CA ASN B 163 -14.94 0.94 -16.48
C ASN B 163 -14.50 1.20 -15.06
N PRO B 164 -13.46 1.99 -14.95
CA PRO B 164 -12.91 2.43 -13.71
C PRO B 164 -13.86 3.30 -12.99
N ALA B 165 -14.66 4.05 -13.71
CA ALA B 165 -15.47 5.04 -13.05
C ALA B 165 -16.43 4.38 -12.12
N GLU B 166 -17.09 3.34 -12.60
CA GLU B 166 -18.06 2.56 -11.87
C GLU B 166 -17.47 1.85 -10.69
N VAL B 167 -16.23 1.43 -10.81
CA VAL B 167 -15.55 0.80 -9.72
C VAL B 167 -15.28 1.70 -8.56
N GLU B 168 -14.95 2.96 -8.81
CA GLU B 168 -14.82 3.98 -7.78
C GLU B 168 -16.15 4.27 -7.19
N ALA B 169 -17.16 4.27 -8.02
CA ALA B 169 -18.48 4.63 -7.59
C ALA B 169 -18.99 3.68 -6.59
N LEU B 170 -18.73 2.41 -6.81
CA LEU B 170 -19.07 1.32 -5.91
C LEU B 170 -18.32 1.31 -4.60
N ARG B 171 -17.06 1.70 -4.64
CA ARG B 171 -16.21 1.83 -3.49
C ARG B 171 -16.75 2.89 -2.61
N GLU B 172 -17.27 3.93 -3.20
CA GLU B 172 -17.80 5.00 -2.42
C GLU B 172 -18.98 4.53 -1.65
N LYS B 173 -19.79 3.69 -2.27
CA LYS B 173 -20.99 3.18 -1.70
C LYS B 173 -20.70 2.37 -0.49
N VAL B 174 -19.68 1.51 -0.56
CA VAL B 174 -19.25 0.68 0.57
C VAL B 174 -18.69 1.42 1.74
N TYR B 175 -17.79 2.35 1.51
CA TYR B 175 -17.29 3.21 2.57
C TYR B 175 -18.26 4.16 3.18
N ALA B 176 -19.20 4.66 2.42
CA ALA B 176 -20.18 5.54 2.94
C ALA B 176 -20.92 4.80 3.98
N SER B 177 -21.24 3.57 3.67
CA SER B 177 -21.88 2.66 4.58
C SER B 177 -21.10 2.18 5.80
N LEU B 178 -19.83 1.89 5.66
CA LEU B 178 -19.00 1.47 6.75
C LEU B 178 -18.91 2.55 7.78
N GLU B 179 -18.89 3.78 7.33
CA GLU B 179 -18.99 4.95 8.19
C GLU B 179 -20.33 5.12 8.88
N ALA B 180 -21.39 4.84 8.18
CA ALA B 180 -22.67 4.88 8.78
C ALA B 180 -22.78 3.84 9.82
N TYR B 181 -22.27 2.65 9.54
CA TYR B 181 -22.25 1.57 10.50
C TYR B 181 -21.40 1.87 11.73
N CYS B 182 -20.26 2.48 11.51
CA CYS B 182 -19.32 2.84 12.53
C CYS B 182 -19.81 3.94 13.42
N LYS B 183 -20.44 4.95 12.87
CA LYS B 183 -21.05 5.99 13.68
C LYS B 183 -22.25 5.54 14.52
N HIS B 184 -23.07 4.64 14.04
CA HIS B 184 -24.10 4.07 14.89
C HIS B 184 -23.59 3.19 16.01
N LYS B 185 -22.85 2.14 15.65
CA LYS B 185 -22.34 1.10 16.55
C LYS B 185 -21.30 1.47 17.59
N TYR B 186 -20.39 2.36 17.22
CA TYR B 186 -19.37 2.87 18.08
C TYR B 186 -19.34 4.41 17.99
N PRO B 187 -20.36 5.05 18.54
CA PRO B 187 -20.55 6.50 18.51
C PRO B 187 -19.52 7.27 19.27
N GLU B 188 -19.05 6.66 20.34
CA GLU B 188 -17.95 7.09 21.19
C GLU B 188 -16.55 7.15 20.55
N GLN B 189 -16.31 6.42 19.49
CA GLN B 189 -15.09 6.63 18.75
C GLN B 189 -15.36 7.29 17.41
N PRO B 190 -15.19 8.59 17.36
CA PRO B 190 -15.34 9.36 16.14
C PRO B 190 -14.33 9.00 15.09
N GLY B 191 -13.13 8.66 15.52
CA GLY B 191 -12.03 8.38 14.65
C GLY B 191 -11.93 6.95 14.20
N ARG B 192 -12.89 6.12 14.54
CA ARG B 192 -12.81 4.74 14.20
C ARG B 192 -12.77 4.42 12.72
N PHE B 193 -13.57 5.10 11.91
CA PHE B 193 -13.67 4.85 10.48
C PHE B 193 -12.41 5.14 9.76
N ALA B 194 -11.83 6.27 10.05
CA ALA B 194 -10.61 6.64 9.48
C ALA B 194 -9.52 5.66 9.86
N LYS B 195 -9.54 5.14 11.08
CA LYS B 195 -8.58 4.20 11.59
C LYS B 195 -8.57 2.92 10.81
N LEU B 196 -9.74 2.47 10.40
CA LEU B 196 -9.90 1.29 9.56
C LEU B 196 -9.27 1.38 8.19
N LEU B 197 -9.48 2.49 7.51
CA LEU B 197 -8.96 2.74 6.20
C LEU B 197 -7.47 2.89 6.17
N LEU B 198 -6.90 3.15 7.31
CA LEU B 198 -5.51 3.41 7.46
C LEU B 198 -4.76 2.14 7.82
N ARG B 199 -5.47 1.05 7.86
CA ARG B 199 -4.83 -0.24 7.87
C ARG B 199 -4.55 -0.75 6.50
N LEU B 200 -5.22 -0.20 5.52
CA LEU B 200 -5.16 -0.55 4.14
C LEU B 200 -3.83 -0.31 3.46
N PRO B 201 -3.12 0.72 3.84
CA PRO B 201 -1.74 0.81 3.48
C PRO B 201 -0.87 -0.28 4.06
N ALA B 202 -1.06 -0.72 5.30
CA ALA B 202 -0.28 -1.77 5.84
C ALA B 202 -0.53 -3.04 5.10
N LEU B 203 -1.76 -3.29 4.73
CA LEU B 203 -2.16 -4.45 3.95
C LEU B 203 -1.59 -4.53 2.55
N ARG B 204 -1.47 -3.38 1.93
CA ARG B 204 -0.91 -3.24 0.59
C ARG B 204 0.55 -3.56 0.43
N SER B 205 1.35 -3.07 1.35
CA SER B 205 2.72 -3.38 1.53
C SER B 205 3.02 -4.83 1.97
N ILE B 206 2.20 -5.35 2.85
CA ILE B 206 2.20 -6.73 3.30
C ILE B 206 1.84 -7.74 2.23
N GLY B 207 0.88 -7.41 1.38
CA GLY B 207 0.54 -8.18 0.21
C GLY B 207 1.59 -8.27 -0.85
N LEU B 208 2.27 -7.18 -1.10
CA LEU B 208 3.32 -7.11 -2.05
C LEU B 208 4.45 -7.98 -1.63
N LYS B 209 4.69 -8.03 -0.35
CA LYS B 209 5.65 -8.95 0.24
C LYS B 209 5.32 -10.41 0.12
N CYS B 210 4.07 -10.79 0.12
CA CYS B 210 3.73 -12.17 0.20
C CYS B 210 3.71 -12.74 -1.17
N LEU B 211 4.15 -11.96 -2.13
CA LEU B 211 4.25 -12.40 -3.50
C LEU B 211 5.68 -12.46 -4.00
N GLU B 212 6.62 -12.26 -3.14
CA GLU B 212 7.99 -12.32 -3.53
C GLU B 212 8.27 -13.77 -3.64
N HIS B 213 9.06 -14.16 -4.63
CA HIS B 213 9.44 -15.56 -4.88
C HIS B 213 10.27 -16.20 -3.80
N LEU B 214 11.07 -15.41 -3.10
CA LEU B 214 11.83 -15.96 -2.03
C LEU B 214 10.89 -16.50 -1.00
N PHE B 215 9.77 -15.83 -0.76
CA PHE B 215 8.77 -16.21 0.22
C PHE B 215 8.10 -17.53 -0.10
N PHE B 216 7.69 -17.68 -1.32
CA PHE B 216 7.10 -18.95 -1.73
C PHE B 216 8.02 -20.17 -1.71
N PHE B 217 9.23 -20.02 -2.19
CA PHE B 217 10.04 -21.16 -2.36
C PHE B 217 10.59 -21.44 -1.03
N LYS B 218 9.72 -21.50 -0.05
CA LYS B 218 10.14 -21.91 1.26
C LYS B 218 10.22 -23.39 0.92
N LEU B 219 10.26 -24.31 1.87
CA LEU B 219 10.62 -25.70 1.64
C LEU B 219 11.96 -26.02 0.96
N ILE B 220 13.08 -25.58 1.49
CA ILE B 220 14.36 -25.92 0.89
C ILE B 220 14.62 -27.43 0.92
N GLY B 221 14.12 -28.10 1.94
CA GLY B 221 14.40 -29.50 2.15
C GLY B 221 13.40 -30.39 1.48
N ASP B 222 12.42 -29.79 0.86
CA ASP B 222 11.38 -30.58 0.26
C ASP B 222 11.43 -30.48 -1.22
N THR B 223 12.05 -29.41 -1.66
CA THR B 223 12.43 -29.20 -3.03
C THR B 223 13.51 -30.16 -3.52
N PRO B 224 14.59 -30.39 -2.76
CA PRO B 224 15.61 -31.37 -3.16
C PRO B 224 15.09 -32.78 -3.12
N ILE B 225 14.24 -33.05 -2.17
CA ILE B 225 13.63 -34.32 -2.00
C ILE B 225 12.79 -34.64 -3.22
N ASP B 226 11.99 -33.69 -3.68
CA ASP B 226 11.24 -33.87 -4.89
C ASP B 226 12.09 -34.07 -6.14
N THR B 227 13.07 -33.24 -6.39
CA THR B 227 13.96 -33.46 -7.49
C THR B 227 14.80 -34.73 -7.37
N PHE B 228 15.19 -35.10 -6.18
CA PHE B 228 15.95 -36.31 -5.94
C PHE B 228 15.23 -37.59 -6.28
N LEU B 229 13.95 -37.65 -5.97
CA LEU B 229 13.16 -38.79 -6.35
C LEU B 229 13.07 -38.88 -7.86
N MET B 230 13.02 -37.76 -8.53
CA MET B 230 12.97 -37.76 -9.96
C MET B 230 14.24 -38.28 -10.62
N GLU B 231 15.35 -37.87 -10.09
CA GLU B 231 16.65 -38.28 -10.56
C GLU B 231 17.09 -39.68 -10.32
N MET B 232 16.68 -40.18 -9.17
CA MET B 232 16.95 -41.53 -8.77
C MET B 232 16.06 -42.52 -9.45
N LEU B 233 15.02 -42.04 -10.11
CA LEU B 233 14.14 -42.91 -10.82
C LEU B 233 14.96 -43.57 -11.91
N GLU B 234 14.86 -44.87 -11.97
CA GLU B 234 15.60 -45.66 -12.90
C GLU B 234 14.77 -46.22 -14.04
N ALA B 235 13.77 -45.47 -14.47
CA ALA B 235 12.87 -45.82 -15.55
C ALA B 235 13.50 -46.05 -16.93
N PRO B 236 14.54 -45.32 -17.28
CA PRO B 236 15.04 -45.39 -18.62
C PRO B 236 16.21 -46.31 -18.66
N HIS B 237 16.18 -47.31 -17.82
CA HIS B 237 17.19 -48.37 -17.80
C HIS B 237 16.79 -49.60 -18.53
N GLN B 238 15.66 -49.55 -19.20
CA GLN B 238 15.35 -50.49 -20.23
C GLN B 238 14.98 -49.79 -21.51
N MET B 239 15.70 -50.04 -22.59
CA MET B 239 15.31 -49.45 -23.84
C MET B 239 15.64 -50.18 -25.14
N THR B 240 14.82 -51.17 -25.45
CA THR B 240 14.84 -51.87 -26.70
C THR B 240 13.40 -51.97 -27.14
#